data_3UVN
#
_entry.id   3UVN
#
_cell.length_a   64.890
_cell.length_b   47.100
_cell.length_c   102.520
_cell.angle_alpha   90.00
_cell.angle_beta   108.21
_cell.angle_gamma   90.00
#
_symmetry.space_group_name_H-M   'P 1 21 1'
#
loop_
_entity.id
_entity.type
_entity.pdbx_description
1 polymer 'WD repeat-containing protein 5'
2 polymer 'Histone-lysine N-methyltransferase SETD1A'
3 water water
#
loop_
_entity_poly.entity_id
_entity_poly.type
_entity_poly.pdbx_seq_one_letter_code
_entity_poly.pdbx_strand_id
1 'polypeptide(L)'
;GAMGSSATQSKPTPVKPNYALKFTLAGHTKAVSSVKFSPNGEWLASSSADKLIKIWGAYDGKFEKTISGHKLGISDVAWS
SDSNLLVSASDDKTLKIWDVSSGKCLKTLKGHSNYVFCCNFNPQSNLIVSGSFDESVRIWDVKTGKCLKTLPAHSDPVSA
VHFNRDGSLIVSSSYDGLCRIWDTASGQCLKTLIDDDNPPVSFVKFSPNGKYILAATLDNTLKLWDYSKGKCLKTYTGHK
NEKYCIFANFSVTGGKWIVSGSEDNLVYIWNLQTKEIVQKLQGHTDVVISTACHPTENIIASAALENDKTIKLWKSDC
;
A,C
2 'polypeptide(L)' GSARSEGYYPI B,D
#
# COMPACT_ATOMS: atom_id res chain seq x y z
N VAL A 15 -17.30 -12.96 -10.18
CA VAL A 15 -17.17 -12.31 -11.49
C VAL A 15 -15.80 -11.61 -11.66
N LYS A 16 -15.17 -11.84 -12.82
CA LYS A 16 -13.87 -11.29 -13.15
C LYS A 16 -13.82 -10.99 -14.64
N PRO A 17 -13.15 -9.89 -15.09
CA PRO A 17 -13.10 -9.63 -16.53
C PRO A 17 -12.09 -10.52 -17.19
N ASN A 18 -12.10 -10.54 -18.53
CA ASN A 18 -11.17 -11.35 -19.31
C ASN A 18 -10.56 -10.47 -20.42
N TYR A 19 -10.02 -9.30 -20.03
CA TYR A 19 -9.37 -8.37 -20.95
C TYR A 19 -8.27 -9.09 -21.70
N ALA A 20 -8.35 -9.03 -23.02
CA ALA A 20 -7.39 -9.72 -23.89
C ALA A 20 -6.88 -8.70 -24.85
N LEU A 21 -5.57 -8.76 -25.16
CA LEU A 21 -4.92 -7.82 -26.07
C LEU A 21 -5.50 -7.91 -27.49
N LYS A 22 -5.88 -6.75 -28.05
CA LYS A 22 -6.43 -6.72 -29.39
C LYS A 22 -5.53 -6.04 -30.40
N PHE A 23 -4.89 -4.94 -29.99
CA PHE A 23 -4.01 -4.14 -30.86
C PHE A 23 -2.91 -3.50 -30.09
N THR A 24 -1.75 -3.33 -30.76
CA THR A 24 -0.61 -2.57 -30.25
C THR A 24 -0.44 -1.40 -31.24
N LEU A 25 -0.51 -0.17 -30.72
CA LEU A 25 -0.44 1.07 -31.52
C LEU A 25 0.97 1.66 -31.39
N ALA A 26 1.77 1.51 -32.45
CA ALA A 26 3.14 2.02 -32.51
C ALA A 26 3.18 3.30 -33.37
N GLY A 27 4.07 4.23 -33.03
CA GLY A 27 4.17 5.48 -33.75
C GLY A 27 4.90 6.57 -32.99
N HIS A 28 4.64 6.69 -31.66
CA HIS A 28 5.37 7.66 -30.84
C HIS A 28 6.85 7.31 -30.78
N THR A 29 7.73 8.33 -30.85
CA THR A 29 9.19 8.08 -30.86
C THR A 29 9.81 8.24 -29.49
N LYS A 30 9.02 8.68 -28.51
CA LYS A 30 9.43 8.84 -27.11
C LYS A 30 8.26 8.36 -26.25
N ALA A 31 8.42 8.38 -24.91
CA ALA A 31 7.41 7.95 -23.96
C ALA A 31 6.03 8.48 -24.28
N VAL A 32 5.02 7.65 -24.09
CA VAL A 32 3.63 8.10 -24.22
C VAL A 32 3.30 8.63 -22.84
N SER A 33 2.59 9.76 -22.75
CA SER A 33 2.30 10.31 -21.43
C SER A 33 0.80 10.17 -21.03
N SER A 34 -0.14 10.20 -22.01
CA SER A 34 -1.56 10.13 -21.69
C SER A 34 -2.32 9.58 -22.87
N VAL A 35 -3.33 8.75 -22.61
CA VAL A 35 -4.29 8.24 -23.61
C VAL A 35 -5.72 8.54 -23.10
N LYS A 36 -6.59 9.05 -23.99
CA LYS A 36 -7.99 9.34 -23.65
C LYS A 36 -8.90 8.96 -24.81
N PHE A 37 -10.05 8.35 -24.50
CA PHE A 37 -11.04 7.99 -25.53
C PHE A 37 -11.91 9.21 -25.75
N SER A 38 -12.28 9.47 -27.01
CA SER A 38 -13.19 10.57 -27.34
C SER A 38 -14.53 10.23 -26.68
N PRO A 39 -15.30 11.21 -26.12
CA PRO A 39 -16.64 10.89 -25.57
C PRO A 39 -17.57 10.08 -26.49
N ASN A 40 -17.51 10.26 -27.81
CA ASN A 40 -18.34 9.54 -28.78
C ASN A 40 -17.84 8.12 -29.10
N GLY A 41 -16.74 7.74 -28.45
CA GLY A 41 -16.12 6.43 -28.56
C GLY A 41 -15.41 6.07 -29.85
N GLU A 42 -15.37 6.95 -30.84
CA GLU A 42 -14.75 6.57 -32.12
C GLU A 42 -13.23 6.62 -32.11
N TRP A 43 -12.66 7.43 -31.24
CA TRP A 43 -11.23 7.69 -31.28
C TRP A 43 -10.55 7.57 -29.94
N LEU A 44 -9.24 7.43 -30.01
CA LEU A 44 -8.32 7.46 -28.89
C LEU A 44 -7.31 8.56 -29.25
N ALA A 45 -7.03 9.49 -28.31
CA ALA A 45 -5.99 10.51 -28.51
C ALA A 45 -4.87 10.17 -27.59
N SER A 46 -3.65 10.28 -28.09
CA SER A 46 -2.47 10.03 -27.28
C SER A 46 -1.53 11.24 -27.29
N SER A 47 -0.91 11.52 -26.13
CA SER A 47 0.07 12.59 -26.06
C SER A 47 1.42 11.96 -25.70
N SER A 48 2.52 12.65 -26.02
CA SER A 48 3.85 12.10 -25.82
C SER A 48 4.95 13.12 -25.55
N ALA A 49 6.07 12.61 -24.99
CA ALA A 49 7.33 13.37 -24.81
C ALA A 49 7.90 13.74 -26.19
N ASP A 50 7.43 13.07 -27.29
CA ASP A 50 7.85 13.39 -28.66
C ASP A 50 7.20 14.67 -29.20
N LYS A 51 6.43 15.42 -28.35
CA LYS A 51 5.73 16.69 -28.66
C LYS A 51 4.53 16.53 -29.61
N LEU A 52 4.12 15.29 -29.83
CA LEU A 52 3.01 15.04 -30.73
C LEU A 52 1.78 14.49 -30.03
N ILE A 53 0.62 14.79 -30.64
CA ILE A 53 -0.68 14.24 -30.31
C ILE A 53 -1.03 13.34 -31.50
N LYS A 54 -1.41 12.10 -31.22
CA LYS A 54 -1.82 11.19 -32.28
C LYS A 54 -3.25 10.72 -32.00
N ILE A 55 -4.03 10.57 -33.08
CA ILE A 55 -5.42 10.12 -33.06
C ILE A 55 -5.46 8.73 -33.70
N TRP A 56 -6.16 7.81 -33.05
CA TRP A 56 -6.28 6.43 -33.52
C TRP A 56 -7.73 6.03 -33.48
N GLY A 57 -8.11 5.07 -34.33
CA GLY A 57 -9.44 4.49 -34.35
C GLY A 57 -9.56 3.58 -33.14
N ALA A 58 -10.60 3.81 -32.31
CA ALA A 58 -10.80 3.08 -31.06
C ALA A 58 -11.07 1.58 -31.18
N TYR A 59 -11.65 1.17 -32.31
CA TYR A 59 -12.08 -0.22 -32.58
C TYR A 59 -11.20 -1.03 -33.51
N ASP A 60 -10.39 -0.37 -34.36
CA ASP A 60 -9.50 -1.05 -35.30
C ASP A 60 -8.02 -0.77 -35.04
N GLY A 61 -7.74 0.15 -34.10
CA GLY A 61 -6.38 0.58 -33.72
C GLY A 61 -5.61 1.25 -34.84
N LYS A 62 -6.32 1.69 -35.88
CA LYS A 62 -5.75 2.31 -37.07
C LYS A 62 -5.36 3.76 -36.81
N PHE A 63 -4.14 4.12 -37.21
CA PHE A 63 -3.63 5.48 -37.07
C PHE A 63 -4.46 6.44 -37.92
N GLU A 64 -4.91 7.56 -37.31
CA GLU A 64 -5.73 8.54 -38.04
C GLU A 64 -4.90 9.78 -38.45
N LYS A 65 -4.29 10.47 -37.49
CA LYS A 65 -3.50 11.66 -37.77
C LYS A 65 -2.57 12.04 -36.65
N THR A 66 -1.55 12.85 -36.99
CA THR A 66 -0.61 13.45 -36.04
C THR A 66 -0.95 14.95 -35.96
N ILE A 67 -1.05 15.46 -34.73
CA ILE A 67 -1.32 16.87 -34.43
C ILE A 67 -0.03 17.46 -33.77
N SER A 68 0.54 18.53 -34.34
CA SER A 68 1.80 19.14 -33.88
C SER A 68 1.73 20.66 -33.74
N GLY A 69 2.64 21.20 -32.92
CA GLY A 69 2.74 22.62 -32.64
C GLY A 69 3.47 22.95 -31.34
N HIS A 70 3.37 22.06 -30.32
CA HIS A 70 4.06 22.27 -29.03
C HIS A 70 5.58 22.23 -29.24
N LYS A 71 6.31 23.11 -28.55
CA LYS A 71 7.75 23.22 -28.66
C LYS A 71 8.50 22.18 -27.81
N LEU A 72 7.83 21.63 -26.78
CA LEU A 72 8.40 20.62 -25.89
C LEU A 72 7.39 19.50 -25.63
N GLY A 73 7.81 18.45 -24.88
CA GLY A 73 6.96 17.29 -24.58
C GLY A 73 5.62 17.63 -23.94
N ILE A 74 4.61 16.77 -24.17
CA ILE A 74 3.23 16.95 -23.67
C ILE A 74 2.99 15.92 -22.57
N SER A 75 2.43 16.35 -21.43
CA SER A 75 2.14 15.49 -20.28
C SER A 75 0.69 15.03 -20.23
N ASP A 76 -0.21 15.72 -20.96
CA ASP A 76 -1.63 15.34 -20.91
C ASP A 76 -2.39 15.87 -22.09
N VAL A 77 -3.52 15.21 -22.43
CA VAL A 77 -4.43 15.62 -23.50
C VAL A 77 -5.88 15.30 -23.00
N ALA A 78 -6.88 16.10 -23.42
CA ALA A 78 -8.27 15.86 -23.01
C ALA A 78 -9.19 16.33 -24.10
N TRP A 79 -10.34 15.65 -24.23
CA TRP A 79 -11.37 15.91 -25.24
C TRP A 79 -12.47 16.82 -24.72
N SER A 80 -13.08 17.63 -25.61
CA SER A 80 -14.29 18.40 -25.27
C SER A 80 -15.48 17.40 -25.31
N SER A 81 -16.62 17.73 -24.69
CA SER A 81 -17.82 16.88 -24.63
C SER A 81 -18.36 16.44 -26.01
N ASP A 82 -18.24 17.30 -27.04
CA ASP A 82 -18.69 16.97 -28.40
C ASP A 82 -17.67 16.23 -29.26
N SER A 83 -16.48 15.89 -28.72
CA SER A 83 -15.37 15.17 -29.38
C SER A 83 -14.72 15.97 -30.51
N ASN A 84 -15.02 17.27 -30.61
CA ASN A 84 -14.51 18.11 -31.69
C ASN A 84 -13.20 18.81 -31.35
N LEU A 85 -12.92 18.99 -30.04
CA LEU A 85 -11.71 19.70 -29.58
C LEU A 85 -10.87 18.85 -28.66
N LEU A 86 -9.57 19.13 -28.65
CA LEU A 86 -8.61 18.59 -27.70
C LEU A 86 -7.88 19.75 -27.05
N VAL A 87 -7.46 19.55 -25.81
CA VAL A 87 -6.61 20.47 -25.09
C VAL A 87 -5.39 19.64 -24.69
N SER A 88 -4.20 20.22 -24.80
CA SER A 88 -2.96 19.51 -24.41
C SER A 88 -2.16 20.39 -23.43
N ALA A 89 -1.43 19.78 -22.49
CA ALA A 89 -0.62 20.46 -21.45
C ALA A 89 0.83 20.11 -21.72
N SER A 90 1.71 21.14 -21.85
CA SER A 90 3.08 20.89 -22.23
C SER A 90 4.15 21.45 -21.35
N ASP A 91 5.40 20.91 -21.51
CA ASP A 91 6.59 21.41 -20.83
C ASP A 91 6.96 22.82 -21.31
N ASP A 92 6.43 23.24 -22.50
CA ASP A 92 6.66 24.58 -23.05
C ASP A 92 5.87 25.68 -22.28
N LYS A 93 5.24 25.32 -21.13
CA LYS A 93 4.48 26.21 -20.24
C LYS A 93 3.11 26.65 -20.78
N THR A 94 2.68 26.09 -21.92
CA THR A 94 1.40 26.42 -22.50
C THR A 94 0.47 25.21 -22.59
N LEU A 95 -0.79 25.52 -22.86
CA LEU A 95 -1.83 24.58 -23.21
C LEU A 95 -2.25 24.99 -24.59
N LYS A 96 -2.66 24.02 -25.43
CA LYS A 96 -3.15 24.36 -26.77
C LYS A 96 -4.50 23.73 -26.95
N ILE A 97 -5.42 24.44 -27.61
CA ILE A 97 -6.76 23.93 -27.96
C ILE A 97 -6.69 23.60 -29.44
N TRP A 98 -7.05 22.38 -29.80
CA TRP A 98 -6.96 21.90 -31.17
C TRP A 98 -8.31 21.52 -31.78
N ASP A 99 -8.50 21.84 -33.07
CA ASP A 99 -9.69 21.40 -33.81
C ASP A 99 -9.25 20.03 -34.32
N VAL A 100 -9.93 18.97 -33.86
CA VAL A 100 -9.61 17.57 -34.17
C VAL A 100 -9.68 17.28 -35.67
N SER A 101 -10.74 17.77 -36.34
CA SER A 101 -10.98 17.53 -37.76
C SER A 101 -9.87 18.11 -38.65
N SER A 102 -9.41 19.34 -38.35
CA SER A 102 -8.36 19.96 -39.13
C SER A 102 -6.96 19.68 -38.59
N GLY A 103 -6.83 19.49 -37.28
CA GLY A 103 -5.55 19.30 -36.62
C GLY A 103 -4.92 20.63 -36.25
N LYS A 104 -5.66 21.73 -36.50
CA LYS A 104 -5.19 23.09 -36.27
C LYS A 104 -5.29 23.53 -34.84
N CYS A 105 -4.29 24.32 -34.41
CA CYS A 105 -4.25 24.93 -33.09
C CYS A 105 -5.14 26.18 -33.12
N LEU A 106 -6.21 26.19 -32.33
CA LEU A 106 -7.17 27.29 -32.28
C LEU A 106 -6.76 28.38 -31.30
N LYS A 107 -6.18 27.98 -30.14
CA LYS A 107 -5.71 28.90 -29.12
C LYS A 107 -4.47 28.32 -28.44
N THR A 108 -3.59 29.19 -27.92
CA THR A 108 -2.44 28.82 -27.10
C THR A 108 -2.72 29.52 -25.77
N LEU A 109 -2.88 28.74 -24.70
CA LEU A 109 -3.20 29.27 -23.38
C LEU A 109 -1.90 29.53 -22.63
N LYS A 110 -1.57 30.81 -22.49
CA LYS A 110 -0.33 31.30 -21.84
C LYS A 110 -0.61 31.93 -20.48
N GLY A 111 0.25 31.64 -19.50
CA GLY A 111 0.09 32.15 -18.15
C GLY A 111 0.84 31.35 -17.10
N HIS A 112 0.92 30.00 -17.25
CA HIS A 112 1.70 29.17 -16.34
C HIS A 112 3.18 29.56 -16.45
N SER A 113 3.88 29.52 -15.36
CA SER A 113 5.29 29.95 -15.35
C SER A 113 6.24 28.74 -15.25
N ASN A 114 5.68 27.53 -15.39
CA ASN A 114 6.46 26.28 -15.39
C ASN A 114 5.67 25.21 -16.16
N TYR A 115 6.18 23.97 -16.28
CA TYR A 115 5.54 22.91 -17.08
C TYR A 115 4.05 22.80 -16.79
N VAL A 116 3.22 22.66 -17.83
CA VAL A 116 1.77 22.39 -17.63
C VAL A 116 1.63 20.85 -17.61
N PHE A 117 1.07 20.32 -16.53
CA PHE A 117 1.07 18.89 -16.28
C PHE A 117 -0.20 18.14 -16.55
N CYS A 118 -1.33 18.79 -16.29
CA CYS A 118 -2.64 18.15 -16.39
C CYS A 118 -3.65 19.16 -16.90
N CYS A 119 -4.67 18.67 -17.59
CA CYS A 119 -5.70 19.49 -18.18
C CYS A 119 -7.01 18.73 -18.37
N ASN A 120 -8.10 19.47 -18.40
CA ASN A 120 -9.45 18.90 -18.59
C ASN A 120 -10.44 19.98 -18.96
N PHE A 121 -11.45 19.64 -19.77
CA PHE A 121 -12.55 20.52 -20.09
C PHE A 121 -13.62 20.21 -19.04
N ASN A 122 -14.50 21.16 -18.80
CA ASN A 122 -15.67 20.90 -17.96
C ASN A 122 -16.73 20.20 -18.85
N PRO A 123 -17.78 19.57 -18.28
CA PRO A 123 -18.84 18.96 -19.15
C PRO A 123 -19.44 19.93 -20.18
N GLN A 124 -19.73 21.19 -19.80
CA GLN A 124 -20.30 22.20 -20.69
C GLN A 124 -19.30 22.54 -21.84
N SER A 125 -17.98 22.34 -21.58
CA SER A 125 -16.81 22.56 -22.47
C SER A 125 -16.60 24.01 -22.89
N ASN A 126 -17.01 24.96 -22.01
CA ASN A 126 -16.79 26.41 -22.16
C ASN A 126 -15.54 26.79 -21.37
N LEU A 127 -15.08 25.90 -20.46
CA LEU A 127 -13.92 26.07 -19.57
C LEU A 127 -12.94 24.93 -19.68
N ILE A 128 -11.68 25.24 -19.37
CA ILE A 128 -10.55 24.30 -19.25
C ILE A 128 -9.92 24.56 -17.90
N VAL A 129 -9.56 23.49 -17.20
CA VAL A 129 -8.85 23.58 -15.95
C VAL A 129 -7.43 23.00 -16.20
N SER A 130 -6.40 23.64 -15.65
CA SER A 130 -5.03 23.16 -15.81
C SER A 130 -4.30 23.18 -14.48
N GLY A 131 -3.33 22.30 -14.35
CA GLY A 131 -2.46 22.20 -13.20
C GLY A 131 -1.03 22.19 -13.71
N SER A 132 -0.16 22.84 -12.99
CA SER A 132 1.22 23.03 -13.40
C SER A 132 2.23 22.80 -12.30
N PHE A 133 3.49 22.69 -12.70
CA PHE A 133 4.64 22.63 -11.79
C PHE A 133 4.78 23.94 -11.06
N ASP A 134 4.13 25.02 -11.57
CA ASP A 134 4.15 26.34 -10.90
C ASP A 134 3.26 26.40 -9.64
N GLU A 135 2.63 25.23 -9.28
CA GLU A 135 1.83 24.98 -8.06
C GLU A 135 0.44 25.59 -8.08
N SER A 136 0.07 26.14 -9.23
CA SER A 136 -1.21 26.79 -9.39
C SER A 136 -2.18 25.92 -10.20
N VAL A 137 -3.45 26.28 -10.10
CA VAL A 137 -4.55 25.69 -10.90
C VAL A 137 -5.16 26.89 -11.63
N ARG A 138 -5.26 26.80 -12.95
CA ARG A 138 -5.83 27.87 -13.74
C ARG A 138 -7.11 27.40 -14.43
N ILE A 139 -8.07 28.33 -14.57
CA ILE A 139 -9.36 28.09 -15.21
C ILE A 139 -9.39 29.02 -16.40
N TRP A 140 -9.58 28.45 -17.58
CA TRP A 140 -9.52 29.21 -18.84
C TRP A 140 -10.83 29.25 -19.58
N ASP A 141 -11.06 30.33 -20.31
CA ASP A 141 -12.26 30.44 -21.14
C ASP A 141 -11.92 29.82 -22.51
N VAL A 142 -12.64 28.74 -22.88
CA VAL A 142 -12.40 28.03 -24.17
C VAL A 142 -12.54 28.96 -25.40
N LYS A 143 -13.59 29.81 -25.43
CA LYS A 143 -13.88 30.71 -26.55
C LYS A 143 -12.79 31.72 -26.82
N THR A 144 -12.27 32.38 -25.76
CA THR A 144 -11.26 33.45 -25.88
C THR A 144 -9.82 33.04 -25.59
N GLY A 145 -9.62 31.95 -24.84
CA GLY A 145 -8.28 31.52 -24.44
C GLY A 145 -7.73 32.33 -23.27
N LYS A 146 -8.57 33.17 -22.67
CA LYS A 146 -8.19 34.01 -21.55
C LYS A 146 -8.22 33.22 -20.24
N CYS A 147 -7.29 33.56 -19.34
CA CYS A 147 -7.25 32.94 -18.05
C CYS A 147 -8.25 33.65 -17.16
N LEU A 148 -9.31 32.93 -16.75
CA LEU A 148 -10.35 33.52 -15.89
C LEU A 148 -9.95 33.56 -14.43
N LYS A 149 -9.28 32.50 -13.93
CA LYS A 149 -8.87 32.44 -12.53
C LYS A 149 -7.55 31.73 -12.38
N THR A 150 -6.73 32.21 -11.44
CA THR A 150 -5.49 31.57 -11.06
C THR A 150 -5.65 31.27 -9.59
N LEU A 151 -5.67 29.99 -9.26
CA LEU A 151 -5.79 29.55 -7.88
C LEU A 151 -4.43 29.21 -7.30
N PRO A 152 -4.09 29.78 -6.13
CA PRO A 152 -2.82 29.40 -5.47
C PRO A 152 -3.16 28.12 -4.72
N ALA A 153 -3.36 27.05 -5.51
CA ALA A 153 -3.91 25.77 -5.10
C ALA A 153 -3.10 24.95 -4.15
N HIS A 154 -1.80 24.83 -4.41
CA HIS A 154 -0.94 23.93 -3.67
C HIS A 154 0.44 24.55 -3.41
N SER A 155 1.28 23.85 -2.64
CA SER A 155 2.63 24.34 -2.32
C SER A 155 3.69 23.50 -3.01
N ASP A 156 3.27 22.68 -4.00
CA ASP A 156 4.16 21.83 -4.82
C ASP A 156 3.47 21.57 -6.17
N PRO A 157 4.17 20.99 -7.19
CA PRO A 157 3.51 20.72 -8.48
C PRO A 157 2.15 20.06 -8.39
N VAL A 158 1.22 20.51 -9.25
CA VAL A 158 -0.14 20.01 -9.32
C VAL A 158 -0.15 18.85 -10.29
N SER A 159 -0.52 17.67 -9.81
CA SER A 159 -0.47 16.42 -10.56
C SER A 159 -1.72 16.06 -11.33
N ALA A 160 -2.91 16.53 -10.89
CA ALA A 160 -4.17 16.20 -11.62
C ALA A 160 -5.20 17.26 -11.30
N VAL A 161 -6.13 17.49 -12.23
CA VAL A 161 -7.26 18.44 -12.10
C VAL A 161 -8.43 17.79 -12.85
N HIS A 162 -9.62 17.84 -12.26
CA HIS A 162 -10.79 17.20 -12.86
C HIS A 162 -12.06 17.93 -12.43
N PHE A 163 -13.00 18.13 -13.37
CA PHE A 163 -14.27 18.72 -13.02
C PHE A 163 -15.21 17.57 -12.68
N ASN A 164 -16.20 17.83 -11.83
CA ASN A 164 -17.23 16.85 -11.53
C ASN A 164 -18.29 16.89 -12.66
N ARG A 165 -19.28 16.00 -12.56
CA ARG A 165 -20.35 15.82 -13.55
C ARG A 165 -21.10 17.09 -14.00
N ASP A 166 -21.30 18.07 -13.11
CA ASP A 166 -22.02 19.29 -13.49
C ASP A 166 -21.13 20.51 -13.66
N GLY A 167 -19.82 20.28 -13.56
CA GLY A 167 -18.77 21.29 -13.66
C GLY A 167 -18.73 22.31 -12.53
N SER A 168 -19.51 22.09 -11.45
CA SER A 168 -19.59 23.04 -10.32
C SER A 168 -18.37 22.93 -9.43
N LEU A 169 -17.68 21.78 -9.48
CA LEU A 169 -16.53 21.50 -8.65
C LEU A 169 -15.34 21.07 -9.46
N ILE A 170 -14.14 21.36 -8.92
CA ILE A 170 -12.87 20.94 -9.46
C ILE A 170 -12.18 20.23 -8.29
N VAL A 171 -11.55 19.11 -8.57
CA VAL A 171 -10.71 18.45 -7.60
C VAL A 171 -9.27 18.57 -8.17
N SER A 172 -8.30 18.86 -7.29
CA SER A 172 -6.88 18.96 -7.67
C SER A 172 -6.05 18.15 -6.70
N SER A 173 -4.92 17.67 -7.16
CA SER A 173 -4.01 16.91 -6.30
C SER A 173 -2.60 17.45 -6.49
N SER A 174 -1.73 17.22 -5.48
CA SER A 174 -0.38 17.74 -5.58
C SER A 174 0.61 16.88 -4.85
N TYR A 175 1.90 17.07 -5.20
CA TYR A 175 3.04 16.44 -4.52
C TYR A 175 3.11 16.94 -3.07
N ASP A 176 2.37 18.06 -2.74
CA ASP A 176 2.33 18.60 -1.37
C ASP A 176 1.57 17.68 -0.39
N GLY A 177 0.95 16.63 -0.93
CA GLY A 177 0.22 15.63 -0.16
C GLY A 177 -1.26 15.94 0.04
N LEU A 178 -1.78 16.91 -0.69
CA LEU A 178 -3.16 17.27 -0.49
C LEU A 178 -3.99 17.09 -1.72
N CYS A 179 -5.30 16.86 -1.47
CA CYS A 179 -6.41 16.81 -2.44
CA CYS A 179 -6.34 16.80 -2.44
C CYS A 179 -7.27 17.96 -2.06
N ARG A 180 -7.60 18.85 -3.01
CA ARG A 180 -8.47 19.99 -2.71
C ARG A 180 -9.68 20.01 -3.63
N ILE A 181 -10.84 20.38 -3.08
CA ILE A 181 -12.10 20.48 -3.84
C ILE A 181 -12.36 21.96 -3.92
N TRP A 182 -12.58 22.46 -5.13
CA TRP A 182 -12.78 23.87 -5.38
C TRP A 182 -14.14 24.15 -5.95
N ASP A 183 -14.71 25.31 -5.59
CA ASP A 183 -15.96 25.77 -6.20
C ASP A 183 -15.55 26.46 -7.49
N THR A 184 -15.97 25.92 -8.65
CA THR A 184 -15.63 26.46 -9.97
C THR A 184 -15.95 27.96 -10.12
N ALA A 185 -17.16 28.36 -9.79
CA ALA A 185 -17.62 29.74 -9.98
C ALA A 185 -16.94 30.76 -9.06
N SER A 186 -16.71 30.41 -7.79
CA SER A 186 -16.10 31.33 -6.84
C SER A 186 -14.56 31.25 -6.75
N GLY A 187 -13.99 30.10 -7.10
CA GLY A 187 -12.56 29.82 -6.99
C GLY A 187 -12.16 29.51 -5.58
N GLN A 188 -13.14 29.35 -4.67
CA GLN A 188 -12.84 29.07 -3.28
C GLN A 188 -12.67 27.58 -2.98
N CYS A 189 -11.80 27.27 -2.02
CA CYS A 189 -11.53 25.90 -1.60
C CYS A 189 -12.61 25.43 -0.64
N LEU A 190 -13.30 24.34 -0.99
CA LEU A 190 -14.41 23.81 -0.19
C LEU A 190 -13.94 22.79 0.81
N LYS A 191 -12.93 22.00 0.44
CA LYS A 191 -12.42 20.95 1.28
C LYS A 191 -10.98 20.64 0.93
N THR A 192 -10.22 20.29 1.95
CA THR A 192 -8.84 19.79 1.82
C THR A 192 -8.84 18.40 2.45
N LEU A 193 -8.43 17.37 1.69
CA LEU A 193 -8.34 16.00 2.17
C LEU A 193 -6.91 15.68 2.51
N ILE A 194 -6.69 15.32 3.76
CA ILE A 194 -5.37 14.94 4.25
C ILE A 194 -5.48 13.53 4.79
N ASP A 195 -4.42 12.74 4.66
CA ASP A 195 -4.44 11.39 5.20
C ASP A 195 -3.07 10.90 5.56
N ASP A 196 -3.00 10.16 6.67
CA ASP A 196 -1.77 9.56 7.18
C ASP A 196 -0.66 10.61 7.27
N ASP A 197 0.50 10.37 6.66
CA ASP A 197 1.61 11.33 6.71
C ASP A 197 1.73 12.24 5.46
N ASN A 198 0.62 12.41 4.71
CA ASN A 198 0.53 13.27 3.51
C ASN A 198 1.55 12.89 2.42
N PRO A 199 1.58 11.60 1.98
CA PRO A 199 2.48 11.24 0.87
C PRO A 199 2.05 12.02 -0.37
N PRO A 200 2.97 12.31 -1.33
CA PRO A 200 2.56 13.01 -2.56
C PRO A 200 1.34 12.37 -3.22
N VAL A 201 0.36 13.20 -3.66
CA VAL A 201 -0.83 12.72 -4.35
C VAL A 201 -0.52 12.87 -5.85
N SER A 202 -0.47 11.72 -6.53
CA SER A 202 -0.08 11.63 -7.93
C SER A 202 -1.20 11.68 -8.93
N PHE A 203 -2.43 11.46 -8.47
CA PHE A 203 -3.60 11.47 -9.37
C PHE A 203 -4.85 11.58 -8.54
N VAL A 204 -5.86 12.25 -9.11
CA VAL A 204 -7.19 12.39 -8.54
C VAL A 204 -8.24 12.56 -9.66
N LYS A 205 -9.47 12.06 -9.41
CA LYS A 205 -10.63 12.24 -10.29
C LYS A 205 -11.92 11.90 -9.57
N PHE A 206 -12.99 12.59 -9.95
CA PHE A 206 -14.32 12.31 -9.41
C PHE A 206 -14.82 11.00 -9.97
N SER A 207 -15.68 10.31 -9.24
CA SER A 207 -16.42 9.13 -9.72
C SER A 207 -17.46 9.62 -10.76
N PRO A 208 -17.96 8.78 -11.69
CA PRO A 208 -18.97 9.24 -12.67
C PRO A 208 -20.16 9.99 -12.07
N ASN A 209 -20.65 9.62 -10.84
CA ASN A 209 -21.76 10.30 -10.17
C ASN A 209 -21.34 11.56 -9.37
N GLY A 210 -20.03 11.82 -9.29
CA GLY A 210 -19.46 12.98 -8.60
C GLY A 210 -19.49 12.96 -7.10
N LYS A 211 -20.00 11.87 -6.51
CA LYS A 211 -20.10 11.67 -5.05
C LYS A 211 -18.76 11.30 -4.41
N TYR A 212 -17.87 10.64 -5.18
CA TYR A 212 -16.57 10.18 -4.67
C TYR A 212 -15.41 10.70 -5.45
N ILE A 213 -14.21 10.59 -4.87
CA ILE A 213 -12.96 10.90 -5.54
C ILE A 213 -12.04 9.70 -5.43
N LEU A 214 -11.36 9.37 -6.51
CA LEU A 214 -10.36 8.30 -6.54
C LEU A 214 -8.99 9.02 -6.54
N ALA A 215 -8.17 8.76 -5.53
CA ALA A 215 -6.88 9.42 -5.39
C ALA A 215 -5.75 8.43 -5.26
N ALA A 216 -4.67 8.65 -6.04
CA ALA A 216 -3.48 7.80 -6.01
C ALA A 216 -2.39 8.56 -5.25
N THR A 217 -1.64 7.85 -4.40
CA THR A 217 -0.53 8.43 -3.65
C THR A 217 0.74 7.65 -3.95
N LEU A 218 1.91 8.31 -3.84
CA LEU A 218 3.19 7.68 -4.14
C LEU A 218 3.71 6.70 -3.08
N ASP A 219 2.78 6.12 -2.33
CA ASP A 219 3.03 5.06 -1.35
C ASP A 219 2.32 3.79 -1.85
N ASN A 220 2.25 3.59 -3.21
CA ASN A 220 1.68 2.39 -3.85
C ASN A 220 0.22 2.14 -3.46
N THR A 221 -0.59 3.21 -3.32
CA THR A 221 -1.98 3.10 -2.86
C THR A 221 -2.94 3.98 -3.64
N LEU A 222 -4.14 3.45 -3.88
CA LEU A 222 -5.26 4.16 -4.47
C LEU A 222 -6.33 4.14 -3.39
N LYS A 223 -7.04 5.26 -3.23
CA LYS A 223 -8.06 5.39 -2.21
C LYS A 223 -9.29 6.02 -2.79
N LEU A 224 -10.45 5.44 -2.47
CA LEU A 224 -11.76 5.96 -2.82
C LEU A 224 -12.28 6.78 -1.65
N TRP A 225 -12.55 8.06 -1.86
CA TRP A 225 -13.00 8.96 -0.80
C TRP A 225 -14.40 9.48 -0.99
N ASP A 226 -15.14 9.61 0.14
CA ASP A 226 -16.41 10.31 0.19
C ASP A 226 -15.90 11.68 0.69
N TYR A 227 -15.53 12.56 -0.25
CA TYR A 227 -14.91 13.85 0.04
C TYR A 227 -15.71 14.82 0.93
N SER A 228 -17.05 14.79 0.85
CA SER A 228 -17.93 15.65 1.65
C SER A 228 -17.88 15.22 3.13
N LYS A 229 -17.93 13.89 3.39
CA LYS A 229 -17.84 13.29 4.71
C LYS A 229 -16.40 13.19 5.16
N GLY A 230 -15.47 13.27 4.20
CA GLY A 230 -14.03 13.22 4.44
C GLY A 230 -13.58 11.87 4.97
N LYS A 231 -14.20 10.80 4.46
CA LYS A 231 -13.93 9.42 4.83
C LYS A 231 -13.44 8.59 3.65
N CYS A 232 -12.42 7.76 3.90
CA CYS A 232 -11.86 6.83 2.94
C CYS A 232 -12.70 5.54 3.00
N LEU A 233 -13.36 5.21 1.89
CA LEU A 233 -14.26 4.05 1.85
C LEU A 233 -13.61 2.76 1.38
N LYS A 234 -12.61 2.87 0.48
CA LYS A 234 -11.92 1.71 -0.10
C LYS A 234 -10.46 2.07 -0.36
N THR A 235 -9.61 1.04 -0.32
CA THR A 235 -8.18 1.14 -0.60
C THR A 235 -7.85 0.03 -1.64
N TYR A 236 -7.06 0.37 -2.68
CA TYR A 236 -6.63 -0.53 -3.75
C TYR A 236 -5.10 -0.55 -3.77
N THR A 237 -4.52 -1.73 -3.50
CA THR A 237 -3.07 -1.92 -3.35
C THR A 237 -2.63 -3.17 -4.11
N GLY A 238 -1.33 -3.45 -4.07
CA GLY A 238 -0.76 -4.60 -4.76
C GLY A 238 0.04 -4.22 -5.98
N HIS A 239 -0.20 -3.02 -6.52
CA HIS A 239 0.51 -2.46 -7.67
C HIS A 239 1.75 -1.66 -7.18
N LYS A 240 2.57 -1.18 -8.13
CA LYS A 240 3.76 -0.41 -7.83
C LYS A 240 3.56 1.02 -8.32
N ASN A 241 3.66 1.97 -7.39
CA ASN A 241 3.47 3.40 -7.69
C ASN A 241 4.13 4.24 -6.64
N GLU A 242 5.40 4.54 -6.88
CA GLU A 242 6.20 5.37 -5.96
C GLU A 242 6.85 6.55 -6.65
N LYS A 243 6.82 6.60 -7.98
CA LYS A 243 7.52 7.65 -8.72
C LYS A 243 6.71 8.46 -9.71
N TYR A 244 5.79 7.81 -10.43
CA TYR A 244 5.08 8.48 -11.51
C TYR A 244 3.64 8.85 -11.23
N CYS A 245 3.15 9.88 -11.93
CA CYS A 245 1.75 10.27 -11.85
C CYS A 245 0.93 9.46 -12.86
N ILE A 246 0.48 8.30 -12.38
CA ILE A 246 -0.24 7.30 -13.16
C ILE A 246 -1.73 7.55 -13.08
N PHE A 247 -2.38 7.62 -14.25
CA PHE A 247 -3.83 7.77 -14.37
C PHE A 247 -4.55 6.49 -13.88
N ALA A 248 -5.66 6.67 -13.19
CA ALA A 248 -6.53 5.60 -12.72
C ALA A 248 -7.93 5.89 -13.19
N ASN A 249 -8.78 4.84 -13.31
CA ASN A 249 -10.12 5.05 -13.84
C ASN A 249 -11.16 4.23 -13.12
N PHE A 250 -12.42 4.60 -13.35
CA PHE A 250 -13.59 3.84 -12.96
C PHE A 250 -14.03 3.17 -14.25
N SER A 251 -14.10 1.86 -14.23
CA SER A 251 -14.61 1.11 -15.39
C SER A 251 -16.07 0.75 -15.06
N VAL A 252 -17.03 1.26 -15.85
CA VAL A 252 -18.49 1.10 -15.60
C VAL A 252 -19.33 0.43 -16.69
N THR A 253 -18.72 0.10 -17.84
CA THR A 253 -19.46 -0.50 -18.97
C THR A 253 -19.97 -1.94 -18.68
N GLY A 254 -19.18 -2.69 -17.92
CA GLY A 254 -19.49 -4.08 -17.55
C GLY A 254 -19.53 -4.16 -16.04
N GLY A 255 -18.64 -4.95 -15.47
CA GLY A 255 -18.48 -4.99 -14.02
C GLY A 255 -17.90 -3.66 -13.51
N LYS A 256 -18.12 -3.35 -12.24
CA LYS A 256 -17.62 -2.11 -11.65
C LYS A 256 -16.18 -2.28 -11.13
N TRP A 257 -15.22 -1.83 -11.95
CA TRP A 257 -13.80 -1.96 -11.67
C TRP A 257 -13.09 -0.64 -11.44
N ILE A 258 -11.89 -0.74 -10.88
CA ILE A 258 -10.92 0.34 -10.73
C ILE A 258 -9.77 -0.14 -11.60
N VAL A 259 -9.31 0.71 -12.52
CA VAL A 259 -8.25 0.35 -13.43
C VAL A 259 -7.09 1.36 -13.22
N SER A 260 -5.86 0.86 -13.17
CA SER A 260 -4.72 1.71 -13.06
C SER A 260 -3.55 1.05 -13.74
N GLY A 261 -2.58 1.88 -14.14
CA GLY A 261 -1.30 1.42 -14.62
C GLY A 261 -0.44 1.18 -13.39
N SER A 262 0.79 0.72 -13.61
CA SER A 262 1.70 0.39 -12.53
C SER A 262 3.16 0.47 -13.00
N GLU A 263 4.08 0.70 -12.05
CA GLU A 263 5.52 0.76 -12.33
C GLU A 263 6.17 -0.59 -12.55
N ASP A 264 5.38 -1.68 -12.40
CA ASP A 264 5.87 -3.04 -12.69
C ASP A 264 5.45 -3.49 -14.11
N ASN A 265 5.03 -2.54 -14.98
CA ASN A 265 4.68 -2.73 -16.41
C ASN A 265 3.35 -3.42 -16.64
N LEU A 266 2.52 -3.51 -15.61
CA LEU A 266 1.21 -4.16 -15.70
C LEU A 266 0.06 -3.20 -15.54
N VAL A 267 -1.09 -3.54 -16.12
CA VAL A 267 -2.34 -2.80 -15.92
C VAL A 267 -3.03 -3.58 -14.81
N TYR A 268 -3.42 -2.92 -13.75
CA TYR A 268 -4.12 -3.59 -12.65
C TYR A 268 -5.59 -3.29 -12.70
N ILE A 269 -6.41 -4.32 -12.39
CA ILE A 269 -7.88 -4.19 -12.38
C ILE A 269 -8.38 -4.74 -11.04
N TRP A 270 -9.05 -3.91 -10.27
CA TRP A 270 -9.59 -4.32 -8.96
C TRP A 270 -11.10 -4.30 -9.01
N ASN A 271 -11.72 -5.12 -8.16
CA ASN A 271 -13.16 -5.10 -7.98
C ASN A 271 -13.37 -3.88 -7.07
N LEU A 272 -14.21 -2.92 -7.51
CA LEU A 272 -14.44 -1.68 -6.76
C LEU A 272 -14.91 -1.94 -5.33
N GLN A 273 -15.86 -2.87 -5.15
CA GLN A 273 -16.44 -3.16 -3.83
C GLN A 273 -15.57 -4.00 -2.90
N THR A 274 -15.01 -5.09 -3.41
CA THR A 274 -14.25 -6.03 -2.58
C THR A 274 -12.80 -5.63 -2.42
N LYS A 275 -12.29 -4.77 -3.30
CA LYS A 275 -10.89 -4.28 -3.32
C LYS A 275 -9.89 -5.35 -3.80
N GLU A 276 -10.39 -6.54 -4.21
CA GLU A 276 -9.53 -7.63 -4.69
C GLU A 276 -9.06 -7.36 -6.12
N ILE A 277 -7.81 -7.75 -6.44
CA ILE A 277 -7.28 -7.66 -7.81
C ILE A 277 -8.01 -8.78 -8.60
N VAL A 278 -8.67 -8.41 -9.70
CA VAL A 278 -9.44 -9.32 -10.55
C VAL A 278 -8.68 -9.69 -11.82
N GLN A 279 -7.72 -8.83 -12.24
CA GLN A 279 -6.91 -9.07 -13.44
C GLN A 279 -5.67 -8.19 -13.47
N LYS A 280 -4.59 -8.71 -14.05
CA LYS A 280 -3.33 -7.99 -14.28
C LYS A 280 -3.03 -8.23 -15.75
N LEU A 281 -2.92 -7.15 -16.53
CA LEU A 281 -2.69 -7.23 -17.98
C LEU A 281 -1.22 -7.09 -18.27
N GLN A 282 -0.63 -8.17 -18.80
CA GLN A 282 0.79 -8.28 -19.14
C GLN A 282 1.00 -8.01 -20.62
N GLY A 283 2.07 -7.28 -20.94
CA GLY A 283 2.41 -6.96 -22.32
C GLY A 283 3.37 -5.81 -22.45
N HIS A 284 3.14 -4.71 -21.68
CA HIS A 284 4.01 -3.54 -21.69
C HIS A 284 5.42 -3.82 -21.15
N THR A 285 6.42 -3.13 -21.70
CA THR A 285 7.84 -3.29 -21.34
C THR A 285 8.40 -2.13 -20.53
N ASP A 286 7.50 -1.23 -20.05
CA ASP A 286 7.90 -0.10 -19.22
C ASP A 286 6.68 0.32 -18.42
N VAL A 287 6.89 1.24 -17.47
CA VAL A 287 5.85 1.78 -16.60
C VAL A 287 4.59 2.10 -17.44
N VAL A 288 3.44 1.60 -17.00
CA VAL A 288 2.16 1.89 -17.65
C VAL A 288 1.69 3.19 -17.00
N ILE A 289 1.96 4.32 -17.67
CA ILE A 289 1.68 5.66 -17.12
C ILE A 289 0.22 6.04 -17.23
N SER A 290 -0.47 5.50 -18.23
CA SER A 290 -1.83 5.91 -18.50
C SER A 290 -2.69 4.76 -18.94
N THR A 291 -3.92 4.76 -18.44
CA THR A 291 -5.00 3.86 -18.79
C THR A 291 -6.24 4.71 -19.03
N ALA A 292 -7.13 4.22 -19.91
CA ALA A 292 -8.40 4.90 -20.20
C ALA A 292 -9.43 3.82 -20.48
N CYS A 293 -10.67 4.06 -20.04
CA CYS A 293 -11.79 3.14 -20.24
C CYS A 293 -12.75 3.69 -21.28
N HIS A 294 -13.11 2.84 -22.26
CA HIS A 294 -14.00 3.22 -23.35
C HIS A 294 -15.38 3.62 -22.82
N PRO A 295 -16.00 4.70 -23.37
CA PRO A 295 -17.30 5.14 -22.80
C PRO A 295 -18.46 4.15 -22.89
N THR A 296 -18.50 3.28 -23.92
CA THR A 296 -19.62 2.33 -24.13
C THR A 296 -19.27 0.84 -24.15
N GLU A 297 -18.08 0.47 -24.62
CA GLU A 297 -17.63 -0.91 -24.71
C GLU A 297 -16.66 -1.24 -23.58
N ASN A 298 -16.47 -2.54 -23.29
CA ASN A 298 -15.50 -3.02 -22.28
C ASN A 298 -14.12 -3.05 -22.93
N ILE A 299 -13.57 -1.86 -23.22
CA ILE A 299 -12.27 -1.65 -23.87
C ILE A 299 -11.40 -0.75 -22.97
N ILE A 300 -10.15 -1.18 -22.77
CA ILE A 300 -9.13 -0.42 -22.06
C ILE A 300 -8.03 -0.03 -23.03
N ALA A 301 -7.57 1.23 -22.94
CA ALA A 301 -6.38 1.69 -23.67
C ALA A 301 -5.32 1.86 -22.58
N SER A 302 -4.10 1.36 -22.82
CA SER A 302 -3.01 1.52 -21.86
C SER A 302 -1.78 2.03 -22.61
N ALA A 303 -0.96 2.86 -21.97
CA ALA A 303 0.21 3.42 -22.65
C ALA A 303 1.42 3.39 -21.72
N ALA A 304 2.60 3.19 -22.30
CA ALA A 304 3.80 3.04 -21.49
C ALA A 304 4.93 4.00 -21.80
N LEU A 305 5.90 4.06 -20.88
CA LEU A 305 7.02 4.96 -20.95
C LEU A 305 8.10 4.63 -21.99
N GLU A 306 9.25 5.35 -21.97
CA GLU A 306 10.34 5.31 -22.94
C GLU A 306 10.81 3.96 -23.49
N ASN A 307 10.92 2.93 -22.64
CA ASN A 307 11.38 1.62 -23.13
C ASN A 307 10.29 0.79 -23.82
N ASP A 308 9.10 1.37 -23.98
CA ASP A 308 7.98 0.74 -24.61
C ASP A 308 7.44 1.65 -25.74
N LYS A 309 6.94 2.84 -25.38
CA LYS A 309 6.42 3.86 -26.34
C LYS A 309 5.16 3.41 -27.11
N THR A 310 4.50 2.34 -26.67
CA THR A 310 3.32 1.88 -27.39
C THR A 310 2.07 2.11 -26.56
N ILE A 311 0.92 1.94 -27.24
CA ILE A 311 -0.41 2.00 -26.69
C ILE A 311 -1.02 0.62 -26.98
N LYS A 312 -1.68 0.02 -25.98
CA LYS A 312 -2.32 -1.27 -26.17
C LYS A 312 -3.81 -1.15 -25.93
N LEU A 313 -4.60 -1.86 -26.78
CA LEU A 313 -6.07 -1.86 -26.71
C LEU A 313 -6.49 -3.26 -26.29
N TRP A 314 -7.23 -3.34 -25.19
CA TRP A 314 -7.65 -4.59 -24.58
C TRP A 314 -9.15 -4.69 -24.61
N LYS A 315 -9.70 -5.89 -24.82
CA LYS A 315 -11.16 -6.06 -24.85
C LYS A 315 -11.61 -7.18 -23.93
N SER A 316 -12.72 -6.94 -23.22
CA SER A 316 -13.29 -7.93 -22.32
C SER A 316 -14.76 -8.24 -22.59
N ASP A 317 -15.20 -9.42 -22.15
CA ASP A 317 -16.58 -9.86 -22.27
C ASP A 317 -17.45 -9.20 -21.18
N CYS A 318 -16.81 -8.76 -20.07
CA CYS A 318 -17.47 -8.11 -18.92
C CYS A 318 -16.59 -7.06 -18.20
N GLY B 1 11.83 14.65 -23.16
CA GLY B 1 10.90 14.19 -22.14
C GLY B 1 9.71 15.10 -21.94
N SER B 2 8.88 14.71 -21.00
CA SER B 2 7.75 15.53 -20.57
C SER B 2 7.80 15.44 -19.06
N ALA B 3 7.16 16.39 -18.36
CA ALA B 3 7.15 16.35 -16.88
C ALA B 3 6.57 15.05 -16.36
N ARG B 4 5.47 14.55 -16.98
CA ARG B 4 4.89 13.29 -16.50
C ARG B 4 5.81 12.07 -16.66
N SER B 5 6.52 11.97 -17.81
CA SER B 5 7.42 10.82 -18.11
C SER B 5 8.73 10.87 -17.33
N GLU B 6 9.09 12.03 -16.79
CA GLU B 6 10.32 12.22 -15.97
C GLU B 6 10.11 11.62 -14.58
N GLY B 7 8.96 11.88 -13.94
CA GLY B 7 8.66 11.33 -12.62
C GLY B 7 9.10 12.21 -11.45
N TYR B 8 8.79 11.74 -10.22
CA TYR B 8 9.01 12.41 -8.94
C TYR B 8 10.40 12.19 -8.32
N TYR B 9 10.97 13.27 -7.73
CA TYR B 9 12.23 13.23 -6.99
C TYR B 9 12.13 13.95 -5.66
N VAL C 15 22.99 5.94 4.26
CA VAL C 15 23.42 4.70 4.95
C VAL C 15 22.45 3.56 4.62
N LYS C 16 22.99 2.34 4.42
CA LYS C 16 22.19 1.18 4.09
C LYS C 16 22.86 -0.06 4.69
N PRO C 17 22.10 -1.05 5.22
CA PRO C 17 22.76 -2.24 5.78
C PRO C 17 23.24 -3.15 4.65
N ASN C 18 24.08 -4.15 4.96
CA ASN C 18 24.57 -5.11 3.96
C ASN C 18 24.33 -6.55 4.46
N TYR C 19 23.10 -6.85 4.92
CA TYR C 19 22.73 -8.17 5.46
C TYR C 19 23.09 -9.30 4.49
N ALA C 20 23.88 -10.25 4.98
CA ALA C 20 24.33 -11.38 4.17
C ALA C 20 23.93 -12.61 4.91
N LEU C 21 23.59 -13.67 4.18
CA LEU C 21 23.20 -14.95 4.76
C LEU C 21 24.37 -15.62 5.47
N LYS C 22 24.13 -16.07 6.70
CA LYS C 22 25.16 -16.76 7.48
C LYS C 22 24.89 -18.22 7.71
N PHE C 23 23.61 -18.56 8.01
CA PHE C 23 23.20 -19.92 8.30
C PHE C 23 21.77 -20.17 7.88
N THR C 24 21.50 -21.41 7.50
CA THR C 24 20.14 -21.91 7.22
C THR C 24 19.88 -23.01 8.26
N LEU C 25 18.84 -22.82 9.09
CA LEU C 25 18.47 -23.74 10.18
C LEU C 25 17.31 -24.64 9.72
N ALA C 26 17.61 -25.90 9.46
CA ALA C 26 16.66 -26.92 9.02
C ALA C 26 16.28 -27.84 10.17
N GLY C 27 15.04 -28.29 10.20
CA GLY C 27 14.60 -29.18 11.27
C GLY C 27 13.09 -29.31 11.38
N HIS C 28 12.36 -28.19 11.24
CA HIS C 28 10.89 -28.22 11.27
C HIS C 28 10.34 -29.02 10.09
N THR C 29 9.28 -29.80 10.32
CA THR C 29 8.71 -30.66 9.27
C THR C 29 7.50 -30.06 8.60
N LYS C 30 7.04 -28.93 9.10
CA LYS C 30 5.92 -28.14 8.56
C LYS C 30 6.32 -26.67 8.66
N ALA C 31 5.47 -25.77 8.18
CA ALA C 31 5.71 -24.33 8.19
C ALA C 31 6.22 -23.83 9.54
N VAL C 32 7.16 -22.90 9.50
CA VAL C 32 7.62 -22.24 10.72
C VAL C 32 6.63 -21.09 10.90
N SER C 33 6.19 -20.83 12.15
CA SER C 33 5.21 -19.76 12.37
C SER C 33 5.82 -18.51 13.06
N SER C 34 6.80 -18.68 13.93
CA SER C 34 7.39 -17.55 14.66
C SER C 34 8.81 -17.85 15.07
N VAL C 35 9.69 -16.84 15.01
CA VAL C 35 11.10 -16.90 15.49
C VAL C 35 11.32 -15.70 16.42
N LYS C 36 11.92 -15.94 17.60
CA LYS C 36 12.22 -14.87 18.57
C LYS C 36 13.60 -15.10 19.19
N PHE C 37 14.38 -14.03 19.35
CA PHE C 37 15.68 -14.10 19.99
C PHE C 37 15.45 -13.98 21.47
N SER C 38 16.19 -14.74 22.25
CA SER C 38 16.10 -14.63 23.70
C SER C 38 16.61 -13.22 24.10
N PRO C 39 16.06 -12.57 25.15
CA PRO C 39 16.59 -11.24 25.55
C PRO C 39 18.07 -11.16 25.93
N ASN C 40 18.77 -12.29 26.19
CA ASN C 40 20.20 -12.30 26.55
C ASN C 40 21.08 -12.53 25.31
N GLY C 41 20.42 -12.70 24.17
CA GLY C 41 21.02 -12.87 22.85
C GLY C 41 21.60 -14.22 22.47
N GLU C 42 21.68 -15.19 23.38
CA GLU C 42 22.30 -16.47 23.01
C GLU C 42 21.45 -17.37 22.16
N TRP C 43 20.12 -17.30 22.35
CA TRP C 43 19.22 -18.21 21.67
C TRP C 43 18.23 -17.62 20.72
N LEU C 44 17.79 -18.46 19.78
CA LEU C 44 16.68 -18.22 18.90
C LEU C 44 15.68 -19.35 19.20
N ALA C 45 14.39 -19.01 19.45
CA ALA C 45 13.36 -20.03 19.62
C ALA C 45 12.48 -19.96 18.40
N SER C 46 12.09 -21.11 17.89
CA SER C 46 11.20 -21.17 16.75
C SER C 46 9.96 -22.03 17.06
N SER C 47 8.80 -21.59 16.58
CA SER C 47 7.56 -22.37 16.74
C SER C 47 7.09 -22.79 15.35
N SER C 48 6.29 -23.87 15.29
CA SER C 48 5.87 -24.40 13.99
C SER C 48 4.51 -25.09 14.00
N ALA C 49 3.94 -25.24 12.78
CA ALA C 49 2.73 -26.01 12.50
C ALA C 49 2.99 -27.50 12.83
N ASP C 50 4.29 -27.91 12.97
CA ASP C 50 4.68 -29.29 13.32
C ASP C 50 4.50 -29.57 14.82
N LYS C 51 3.90 -28.61 15.59
CA LYS C 51 3.61 -28.68 17.04
C LYS C 51 4.87 -28.59 17.92
N LEU C 52 6.02 -28.28 17.34
CA LEU C 52 7.27 -28.23 18.10
C LEU C 52 7.84 -26.84 18.24
N ILE C 53 8.59 -26.65 19.32
CA ILE C 53 9.40 -25.48 19.64
C ILE C 53 10.84 -25.97 19.54
N LYS C 54 11.67 -25.26 18.78
CA LYS C 54 13.07 -25.59 18.67
C LYS C 54 13.92 -24.40 19.12
N ILE C 55 15.04 -24.69 19.79
CA ILE C 55 16.01 -23.71 20.32
C ILE C 55 17.30 -23.88 19.51
N TRP C 56 17.85 -22.76 19.07
CA TRP C 56 19.07 -22.75 18.27
C TRP C 56 20.01 -21.72 18.85
N GLY C 57 21.32 -21.92 18.63
CA GLY C 57 22.36 -20.98 19.02
C GLY C 57 22.29 -19.81 18.07
N ALA C 58 22.13 -18.59 18.60
CA ALA C 58 21.96 -17.37 17.81
C ALA C 58 23.13 -16.97 16.92
N TYR C 59 24.35 -17.38 17.28
CA TYR C 59 25.59 -16.99 16.58
C TYR C 59 26.23 -18.06 15.72
N ASP C 60 25.95 -19.35 16.01
CA ASP C 60 26.52 -20.47 15.24
C ASP C 60 25.45 -21.28 14.48
N GLY C 61 24.17 -20.95 14.70
CA GLY C 61 23.02 -21.62 14.08
C GLY C 61 22.87 -23.08 14.46
N LYS C 62 23.56 -23.50 15.53
CA LYS C 62 23.59 -24.88 16.02
C LYS C 62 22.31 -25.22 16.76
N PHE C 63 21.71 -26.37 16.40
CA PHE C 63 20.49 -26.87 17.04
C PHE C 63 20.78 -27.20 18.51
N GLU C 64 19.92 -26.70 19.40
CA GLU C 64 20.08 -26.94 20.84
C GLU C 64 19.14 -28.02 21.35
N LYS C 65 17.81 -27.83 21.20
CA LYS C 65 16.81 -28.79 21.65
C LYS C 65 15.46 -28.59 21.03
N THR C 66 14.64 -29.65 21.12
CA THR C 66 13.25 -29.66 20.68
C THR C 66 12.40 -29.71 21.96
N ILE C 67 11.37 -28.86 22.03
CA ILE C 67 10.43 -28.78 23.15
C ILE C 67 9.04 -29.20 22.60
N SER C 68 8.41 -30.24 23.21
CA SER C 68 7.12 -30.79 22.75
C SER C 68 6.08 -30.97 23.85
N GLY C 69 4.82 -31.02 23.44
CA GLY C 69 3.69 -31.19 24.34
C GLY C 69 2.35 -30.72 23.77
N HIS C 70 2.38 -29.70 22.90
CA HIS C 70 1.16 -29.19 22.27
C HIS C 70 0.53 -30.28 21.38
N LYS C 71 -0.80 -30.39 21.40
CA LYS C 71 -1.53 -31.39 20.61
C LYS C 71 -1.72 -30.96 19.15
N LEU C 72 -1.66 -29.65 18.89
CA LEU C 72 -1.81 -29.10 17.54
C LEU C 72 -0.73 -28.04 17.25
N GLY C 73 -0.70 -27.51 16.03
CA GLY C 73 0.29 -26.50 15.62
C GLY C 73 0.36 -25.26 16.50
N ILE C 74 1.51 -24.62 16.50
CA ILE C 74 1.80 -23.42 17.31
C ILE C 74 1.93 -22.23 16.41
N SER C 75 1.26 -21.12 16.74
CA SER C 75 1.29 -19.88 15.95
C SER C 75 2.29 -18.86 16.49
N ASP C 76 2.72 -19.00 17.75
CA ASP C 76 3.62 -18.00 18.35
C ASP C 76 4.34 -18.54 19.54
N VAL C 77 5.54 -17.98 19.82
CA VAL C 77 6.37 -18.31 20.98
C VAL C 77 6.98 -16.98 21.51
N ALA C 78 7.20 -16.84 22.82
CA ALA C 78 7.81 -15.62 23.38
C ALA C 78 8.60 -15.99 24.59
N TRP C 79 9.69 -15.23 24.85
CA TRP C 79 10.61 -15.43 25.97
C TRP C 79 10.27 -14.55 27.17
N SER C 80 10.59 -15.03 28.39
CA SER C 80 10.46 -14.20 29.59
C SER C 80 11.70 -13.26 29.62
N SER C 81 11.65 -12.19 30.46
CA SER C 81 12.72 -11.19 30.61
C SER C 81 14.06 -11.76 31.00
N ASP C 82 14.09 -12.85 31.79
CA ASP C 82 15.34 -13.49 32.24
C ASP C 82 15.83 -14.61 31.30
N SER C 83 15.21 -14.77 30.11
CA SER C 83 15.56 -15.81 29.12
C SER C 83 15.37 -17.26 29.60
N ASN C 84 14.70 -17.49 30.75
CA ASN C 84 14.52 -18.82 31.36
C ASN C 84 13.24 -19.54 31.00
N LEU C 85 12.20 -18.78 30.57
CA LEU C 85 10.89 -19.31 30.21
C LEU C 85 10.50 -18.95 28.82
N LEU C 86 9.66 -19.80 28.22
CA LEU C 86 9.01 -19.57 26.95
C LEU C 86 7.52 -19.80 27.15
N VAL C 87 6.71 -19.08 26.40
CA VAL C 87 5.27 -19.26 26.35
C VAL C 87 4.96 -19.52 24.88
N SER C 88 4.06 -20.47 24.61
CA SER C 88 3.67 -20.78 23.23
C SER C 88 2.16 -20.70 23.09
N ALA C 89 1.66 -20.26 21.92
CA ALA C 89 0.22 -20.13 21.61
C ALA C 89 -0.14 -21.17 20.57
N SER C 90 -1.08 -22.10 20.87
CA SER C 90 -1.42 -23.20 19.96
C SER C 90 -2.87 -23.30 19.51
N ASP C 91 -3.06 -23.99 18.36
CA ASP C 91 -4.36 -24.32 17.79
C ASP C 91 -5.15 -25.23 18.74
N ASP C 92 -4.46 -25.87 19.73
CA ASP C 92 -5.11 -26.76 20.71
C ASP C 92 -5.89 -25.94 21.78
N LYS C 93 -6.02 -24.59 21.57
CA LYS C 93 -6.74 -23.62 22.42
C LYS C 93 -6.03 -23.28 23.73
N THR C 94 -4.78 -23.75 23.89
CA THR C 94 -4.03 -23.49 25.11
C THR C 94 -2.73 -22.74 24.81
N LEU C 95 -2.14 -22.24 25.87
CA LEU C 95 -0.82 -21.67 25.91
C LEU C 95 -0.07 -22.58 26.87
N LYS C 96 1.23 -22.74 26.66
CA LYS C 96 2.06 -23.52 27.58
C LYS C 96 3.25 -22.70 28.00
N ILE C 97 3.63 -22.77 29.28
CA ILE C 97 4.80 -22.10 29.81
C ILE C 97 5.86 -23.18 29.94
N TRP C 98 7.04 -22.96 29.36
CA TRP C 98 8.10 -23.94 29.35
C TRP C 98 9.37 -23.49 30.11
N ASP C 99 10.01 -24.41 30.81
CA ASP C 99 11.30 -24.15 31.41
C ASP C 99 12.28 -24.49 30.29
N VAL C 100 13.00 -23.49 29.78
CA VAL C 100 13.95 -23.61 28.67
C VAL C 100 15.06 -24.62 28.95
N SER C 101 15.64 -24.59 30.14
CA SER C 101 16.76 -25.46 30.52
C SER C 101 16.37 -26.94 30.52
N SER C 102 15.19 -27.28 31.05
CA SER C 102 14.71 -28.65 31.09
C SER C 102 13.89 -29.06 29.87
N GLY C 103 13.19 -28.10 29.27
CA GLY C 103 12.29 -28.34 28.15
C GLY C 103 10.91 -28.75 28.63
N LYS C 104 10.72 -28.76 29.96
CA LYS C 104 9.48 -29.16 30.61
C LYS C 104 8.39 -28.11 30.60
N CYS C 105 7.13 -28.57 30.44
CA CYS C 105 5.95 -27.73 30.48
C CYS C 105 5.61 -27.49 31.95
N LEU C 106 5.66 -26.23 32.40
CA LEU C 106 5.43 -25.85 33.79
C LEU C 106 3.96 -25.61 34.07
N LYS C 107 3.23 -25.02 33.11
CA LYS C 107 1.80 -24.72 33.19
C LYS C 107 1.16 -24.82 31.81
N THR C 108 -0.12 -25.19 31.77
CA THR C 108 -0.95 -25.18 30.56
C THR C 108 -2.02 -24.16 30.86
N LEU C 109 -2.10 -23.09 30.05
CA LEU C 109 -3.05 -22.01 30.25
C LEU C 109 -4.31 -22.30 29.45
N LYS C 110 -5.38 -22.64 30.14
CA LYS C 110 -6.69 -23.05 29.57
C LYS C 110 -7.76 -21.99 29.80
N GLY C 111 -8.58 -21.73 28.78
CA GLY C 111 -9.62 -20.70 28.86
C GLY C 111 -10.11 -20.21 27.52
N HIS C 112 -9.19 -20.04 26.53
CA HIS C 112 -9.60 -19.65 25.18
C HIS C 112 -10.51 -20.75 24.60
N SER C 113 -11.50 -20.35 23.80
CA SER C 113 -12.47 -21.32 23.27
C SER C 113 -12.21 -21.58 21.78
N ASN C 114 -11.08 -21.05 21.25
CA ASN C 114 -10.67 -21.25 19.86
C ASN C 114 -9.14 -21.10 19.79
N TYR C 115 -8.53 -21.25 18.61
CA TYR C 115 -7.06 -21.20 18.45
C TYR C 115 -6.45 -20.03 19.19
N VAL C 116 -5.31 -20.25 19.89
CA VAL C 116 -4.56 -19.13 20.49
C VAL C 116 -3.54 -18.73 19.44
N PHE C 117 -3.52 -17.47 19.11
CA PHE C 117 -2.77 -16.97 17.97
C PHE C 117 -1.47 -16.23 18.29
N CYS C 118 -1.47 -15.47 19.38
CA CYS C 118 -0.37 -14.59 19.75
C CYS C 118 -0.19 -14.57 21.24
N CYS C 119 1.03 -14.33 21.69
CA CYS C 119 1.37 -14.34 23.09
C CYS C 119 2.60 -13.49 23.37
N ASN C 120 2.69 -13.01 24.61
CA ASN C 120 3.83 -12.22 25.09
C ASN C 120 3.84 -12.13 26.60
N PHE C 121 5.03 -12.06 27.18
CA PHE C 121 5.21 -11.81 28.60
C PHE C 121 5.33 -10.29 28.74
N ASN C 122 5.00 -9.78 29.92
CA ASN C 122 5.25 -8.38 30.21
C ASN C 122 6.75 -8.24 30.59
N PRO C 123 7.33 -7.01 30.64
CA PRO C 123 8.73 -6.90 31.04
C PRO C 123 9.06 -7.49 32.42
N GLN C 124 8.13 -7.41 33.37
CA GLN C 124 8.30 -7.94 34.74
C GLN C 124 8.28 -9.46 34.72
N SER C 125 7.62 -10.03 33.70
CA SER C 125 7.42 -11.45 33.40
C SER C 125 6.62 -12.25 34.44
N ASN C 126 5.69 -11.54 35.13
CA ASN C 126 4.77 -12.11 36.12
C ASN C 126 3.42 -12.35 35.41
N LEU C 127 3.24 -11.76 34.21
CA LEU C 127 2.03 -11.85 33.38
C LEU C 127 2.34 -12.28 31.96
N ILE C 128 1.34 -12.88 31.34
CA ILE C 128 1.31 -13.26 29.92
C ILE C 128 0.03 -12.67 29.34
N VAL C 129 0.14 -12.10 28.15
CA VAL C 129 -1.02 -11.64 27.43
C VAL C 129 -1.19 -12.58 26.20
N SER C 130 -2.44 -12.92 25.88
CA SER C 130 -2.72 -13.78 24.73
C SER C 130 -3.87 -13.25 23.92
N GLY C 131 -3.87 -13.55 22.64
CA GLY C 131 -4.93 -13.20 21.71
C GLY C 131 -5.33 -14.46 20.98
N SER C 132 -6.62 -14.62 20.70
CA SER C 132 -7.19 -15.81 20.10
C SER C 132 -8.21 -15.53 19.00
N PHE C 133 -8.51 -16.60 18.22
CA PHE C 133 -9.58 -16.61 17.23
C PHE C 133 -10.92 -16.44 17.91
N ASP C 134 -10.96 -16.64 19.26
CA ASP C 134 -12.21 -16.45 20.02
C ASP C 134 -12.55 -14.94 20.24
N GLU C 135 -11.71 -14.04 19.68
CA GLU C 135 -11.87 -12.56 19.63
C GLU C 135 -11.57 -11.86 20.94
N SER C 136 -11.05 -12.63 21.91
CA SER C 136 -10.73 -12.10 23.23
C SER C 136 -9.23 -11.94 23.42
N VAL C 137 -8.86 -11.17 24.45
CA VAL C 137 -7.49 -10.97 24.91
C VAL C 137 -7.51 -11.43 26.36
N ARG C 138 -6.62 -12.34 26.73
CA ARG C 138 -6.55 -12.81 28.12
C ARG C 138 -5.21 -12.44 28.73
N ILE C 139 -5.24 -12.17 30.05
CA ILE C 139 -4.09 -11.81 30.85
C ILE C 139 -3.96 -12.90 31.88
N TRP C 140 -2.80 -13.56 31.92
CA TRP C 140 -2.57 -14.71 32.78
C TRP C 140 -1.50 -14.47 33.83
N ASP C 141 -1.64 -15.11 34.98
CA ASP C 141 -0.63 -15.03 36.03
C ASP C 141 0.41 -16.12 35.76
N VAL C 142 1.67 -15.73 35.53
CA VAL C 142 2.77 -16.68 35.24
C VAL C 142 2.97 -17.72 36.36
N LYS C 143 2.96 -17.28 37.63
CA LYS C 143 3.17 -18.15 38.79
C LYS C 143 2.14 -19.26 38.95
N THR C 144 0.84 -18.94 38.78
CA THR C 144 -0.26 -19.89 38.99
C THR C 144 -0.87 -20.47 37.70
N GLY C 145 -0.70 -19.77 36.58
CA GLY C 145 -1.32 -20.20 35.32
C GLY C 145 -2.79 -19.85 35.23
N LYS C 146 -3.28 -19.08 36.19
CA LYS C 146 -4.67 -18.67 36.24
C LYS C 146 -4.94 -17.48 35.36
N CYS C 147 -6.13 -17.45 34.77
CA CYS C 147 -6.52 -16.36 33.93
C CYS C 147 -7.01 -15.23 34.83
N LEU C 148 -6.28 -14.11 34.82
CA LEU C 148 -6.63 -12.95 35.65
C LEU C 148 -7.73 -12.11 35.04
N LYS C 149 -7.70 -11.92 33.70
CA LYS C 149 -8.68 -11.09 33.00
C LYS C 149 -8.96 -11.60 31.62
N THR C 150 -10.22 -11.49 31.21
CA THR C 150 -10.66 -11.81 29.86
C THR C 150 -11.25 -10.53 29.32
N LEU C 151 -10.61 -9.99 28.31
CA LEU C 151 -11.08 -8.76 27.67
C LEU C 151 -11.89 -9.10 26.42
N PRO C 152 -13.12 -8.54 26.30
CA PRO C 152 -13.88 -8.71 25.05
C PRO C 152 -13.31 -7.64 24.09
N ALA C 153 -12.09 -7.92 23.65
CA ALA C 153 -11.24 -6.99 22.93
C ALA C 153 -11.68 -6.58 21.55
N HIS C 154 -12.11 -7.55 20.74
CA HIS C 154 -12.39 -7.31 19.34
C HIS C 154 -13.61 -8.10 18.85
N SER C 155 -14.03 -7.89 17.60
CA SER C 155 -15.19 -8.56 17.03
C SER C 155 -14.79 -9.54 15.95
N ASP C 156 -13.48 -9.88 15.89
CA ASP C 156 -12.89 -10.85 14.96
C ASP C 156 -11.58 -11.37 15.57
N PRO C 157 -10.95 -12.46 15.01
CA PRO C 157 -9.70 -12.99 15.60
C PRO C 157 -8.66 -11.92 15.94
N VAL C 158 -8.00 -12.08 17.07
CA VAL C 158 -6.95 -11.19 17.57
C VAL C 158 -5.63 -11.67 17.00
N SER C 159 -4.98 -10.83 16.21
CA SER C 159 -3.75 -11.14 15.49
C SER C 159 -2.45 -10.89 16.21
N ALA C 160 -2.43 -9.93 17.16
CA ALA C 160 -1.19 -9.60 17.90
C ALA C 160 -1.54 -8.96 19.23
N VAL C 161 -0.67 -9.14 20.23
CA VAL C 161 -0.79 -8.58 21.58
C VAL C 161 0.64 -8.26 22.04
N HIS C 162 0.84 -7.09 22.62
CA HIS C 162 2.17 -6.67 23.03
C HIS C 162 2.08 -5.74 24.22
N PHE C 163 3.00 -5.90 25.21
CA PHE C 163 3.03 -4.98 26.33
C PHE C 163 4.01 -3.89 25.95
N ASN C 164 3.83 -2.70 26.52
CA ASN C 164 4.80 -1.61 26.33
C ASN C 164 5.99 -1.85 27.30
N ARG C 165 6.99 -0.97 27.20
CA ARG C 165 8.23 -0.99 27.99
C ARG C 165 8.07 -1.20 29.51
N ASP C 166 7.04 -0.60 30.14
CA ASP C 166 6.88 -0.73 31.60
C ASP C 166 5.74 -1.70 32.02
N GLY C 167 5.15 -2.34 31.02
CA GLY C 167 4.05 -3.28 31.16
C GLY C 167 2.72 -2.67 31.58
N SER C 168 2.62 -1.33 31.62
CA SER C 168 1.40 -0.64 32.06
C SER C 168 0.31 -0.68 30.98
N LEU C 169 0.71 -0.89 29.72
CA LEU C 169 -0.17 -0.92 28.58
C LEU C 169 -0.02 -2.17 27.74
N ILE C 170 -1.12 -2.57 27.09
CA ILE C 170 -1.18 -3.65 26.12
C ILE C 170 -1.75 -3.03 24.85
N VAL C 171 -1.19 -3.38 23.71
CA VAL C 171 -1.76 -3.02 22.42
C VAL C 171 -2.21 -4.36 21.79
N SER C 172 -3.40 -4.37 21.18
CA SER C 172 -3.94 -5.55 20.50
C SER C 172 -4.41 -5.16 19.12
N SER C 173 -4.36 -6.09 18.18
CA SER C 173 -4.82 -5.85 16.81
C SER C 173 -5.73 -6.97 16.39
N SER C 174 -6.62 -6.68 15.42
CA SER C 174 -7.56 -7.71 14.98
C SER C 174 -7.91 -7.58 13.54
N TYR C 175 -8.48 -8.66 13.02
CA TYR C 175 -9.05 -8.72 11.67
C TYR C 175 -10.24 -7.78 11.56
N ASP C 176 -10.79 -7.32 12.71
CA ASP C 176 -11.92 -6.38 12.74
C ASP C 176 -11.49 -4.96 12.26
N GLY C 177 -10.19 -4.78 12.01
CA GLY C 177 -9.58 -3.56 11.49
C GLY C 177 -9.15 -2.56 12.54
N LEU C 178 -9.22 -2.94 13.82
CA LEU C 178 -8.89 -2.03 14.91
C LEU C 178 -7.64 -2.43 15.63
N CYS C 179 -6.98 -1.41 16.23
CA CYS C 179 -5.90 -1.52 17.22
C CYS C 179 -6.44 -0.89 18.44
N ARG C 180 -6.29 -1.59 19.56
CA ARG C 180 -6.75 -1.07 20.84
C ARG C 180 -5.64 -1.02 21.86
N ILE C 181 -5.61 0.04 22.70
CA ILE C 181 -4.60 0.21 23.74
C ILE C 181 -5.35 -0.01 25.05
N TRP C 182 -4.84 -0.90 25.89
CA TRP C 182 -5.49 -1.28 27.12
C TRP C 182 -4.65 -0.95 28.32
N ASP C 183 -5.30 -0.58 29.45
CA ASP C 183 -4.62 -0.39 30.74
C ASP C 183 -4.48 -1.76 31.35
N THR C 184 -3.23 -2.25 31.52
CA THR C 184 -2.96 -3.58 32.07
C THR C 184 -3.64 -3.87 33.40
N ALA C 185 -3.50 -2.96 34.38
CA ALA C 185 -4.05 -3.16 35.71
C ALA C 185 -5.59 -3.18 35.76
N SER C 186 -6.25 -2.29 35.02
CA SER C 186 -7.70 -2.19 35.06
C SER C 186 -8.44 -3.04 34.00
N GLY C 187 -7.76 -3.35 32.90
CA GLY C 187 -8.35 -4.06 31.78
C GLY C 187 -9.21 -3.14 30.93
N GLN C 188 -9.17 -1.82 31.19
CA GLN C 188 -9.98 -0.87 30.42
C GLN C 188 -9.30 -0.39 29.15
N CYS C 189 -10.12 -0.15 28.11
CA CYS C 189 -9.64 0.33 26.82
C CYS C 189 -9.37 1.84 26.90
N LEU C 190 -8.13 2.24 26.60
CA LEU C 190 -7.72 3.64 26.63
C LEU C 190 -7.90 4.32 25.30
N LYS C 191 -7.70 3.57 24.20
CA LYS C 191 -7.79 4.12 22.86
C LYS C 191 -8.11 3.06 21.84
N THR C 192 -8.86 3.44 20.80
CA THR C 192 -9.14 2.62 19.65
C THR C 192 -8.65 3.37 18.43
N LEU C 193 -7.78 2.74 17.63
CA LEU C 193 -7.28 3.34 16.40
C LEU C 193 -8.03 2.81 15.20
N ILE C 194 -8.59 3.74 14.44
CA ILE C 194 -9.32 3.54 13.19
C ILE C 194 -8.46 4.18 12.10
N ASP C 195 -8.26 3.44 10.98
CA ASP C 195 -7.52 3.91 9.81
C ASP C 195 -8.33 3.60 8.56
N ASP C 196 -8.66 4.65 7.80
CA ASP C 196 -9.35 4.55 6.52
C ASP C 196 -10.61 3.67 6.57
N ASP C 197 -10.63 2.60 5.76
CA ASP C 197 -11.75 1.69 5.67
C ASP C 197 -11.59 0.44 6.56
N ASN C 198 -10.73 0.55 7.57
CA ASN C 198 -10.46 -0.51 8.57
C ASN C 198 -10.05 -1.85 7.93
N PRO C 199 -8.99 -1.91 7.08
CA PRO C 199 -8.56 -3.22 6.55
C PRO C 199 -8.11 -4.09 7.73
N PRO C 200 -8.15 -5.44 7.63
CA PRO C 200 -7.69 -6.27 8.77
C PRO C 200 -6.31 -5.87 9.26
N VAL C 201 -6.13 -5.77 10.60
CA VAL C 201 -4.82 -5.44 11.20
C VAL C 201 -4.17 -6.79 11.54
N SER C 202 -3.09 -7.10 10.84
CA SER C 202 -2.38 -8.40 10.92
C SER C 202 -1.30 -8.47 11.95
N PHE C 203 -0.82 -7.31 12.41
CA PHE C 203 0.27 -7.26 13.37
C PHE C 203 0.31 -5.87 14.01
N VAL C 204 0.69 -5.83 15.27
CA VAL C 204 0.91 -4.59 16.02
C VAL C 204 1.97 -4.82 17.12
N LYS C 205 2.74 -3.77 17.43
CA LYS C 205 3.71 -3.76 18.52
C LYS C 205 4.13 -2.32 18.86
N PHE C 206 4.45 -2.08 20.12
CA PHE C 206 4.95 -0.78 20.57
C PHE C 206 6.37 -0.62 20.07
N SER C 207 6.80 0.63 19.87
CA SER C 207 8.19 0.97 19.56
C SER C 207 9.01 0.75 20.86
N PRO C 208 10.36 0.54 20.80
CA PRO C 208 11.15 0.37 22.04
C PRO C 208 10.91 1.42 23.14
N ASN C 209 10.64 2.70 22.77
CA ASN C 209 10.35 3.76 23.75
C ASN C 209 8.88 3.83 24.21
N GLY C 210 8.02 3.00 23.61
CA GLY C 210 6.61 2.89 23.93
C GLY C 210 5.73 4.05 23.50
N LYS C 211 6.33 5.05 22.81
CA LYS C 211 5.64 6.25 22.32
C LYS C 211 4.83 5.96 21.05
N TYR C 212 5.27 4.97 20.24
CA TYR C 212 4.62 4.65 18.97
C TYR C 212 4.18 3.21 18.87
N ILE C 213 3.29 2.92 17.90
CA ILE C 213 2.90 1.58 17.57
C ILE C 213 3.15 1.34 16.09
N LEU C 214 3.69 0.17 15.76
CA LEU C 214 3.92 -0.24 14.38
C LEU C 214 2.80 -1.23 14.06
N ALA C 215 1.97 -0.91 13.07
CA ALA C 215 0.84 -1.76 12.73
C ALA C 215 0.88 -2.18 11.26
N ALA C 216 0.67 -3.47 10.99
CA ALA C 216 0.60 -4.01 9.64
C ALA C 216 -0.85 -4.28 9.31
N THR C 217 -1.26 -3.96 8.07
CA THR C 217 -2.61 -4.20 7.61
C THR C 217 -2.56 -5.05 6.34
N LEU C 218 -3.61 -5.86 6.09
CA LEU C 218 -3.64 -6.74 4.93
C LEU C 218 -3.91 -6.04 3.58
N ASP C 219 -3.54 -4.76 3.49
CA ASP C 219 -3.54 -3.96 2.28
C ASP C 219 -2.07 -3.63 1.92
N ASN C 220 -1.12 -4.57 2.22
CA ASN C 220 0.29 -4.42 1.86
C ASN C 220 0.95 -3.15 2.45
N THR C 221 0.58 -2.79 3.69
CA THR C 221 1.05 -1.56 4.32
C THR C 221 1.41 -1.74 5.79
N LEU C 222 2.48 -1.06 6.20
CA LEU C 222 2.91 -0.97 7.59
C LEU C 222 2.80 0.52 7.91
N LYS C 223 2.30 0.84 9.10
CA LYS C 223 2.13 2.23 9.52
C LYS C 223 2.67 2.43 10.92
N LEU C 224 3.39 3.54 11.11
CA LEU C 224 3.93 3.95 12.41
C LEU C 224 2.96 5.00 12.97
N TRP C 225 2.36 4.70 14.14
CA TRP C 225 1.38 5.60 14.75
C TRP C 225 1.82 6.21 16.04
N ASP C 226 1.44 7.47 16.25
CA ASP C 226 1.58 8.15 17.54
C ASP C 226 0.15 7.91 18.07
N TYR C 227 -0.04 6.78 18.78
CA TYR C 227 -1.35 6.32 19.27
C TYR C 227 -2.10 7.29 20.19
N SER C 228 -1.39 8.07 21.02
CA SER C 228 -1.99 9.05 21.95
C SER C 228 -2.62 10.20 21.15
N LYS C 229 -1.89 10.71 20.14
CA LYS C 229 -2.33 11.80 19.26
C LYS C 229 -3.22 11.25 18.15
N GLY C 230 -3.17 9.93 17.93
CA GLY C 230 -3.95 9.23 16.92
C GLY C 230 -3.60 9.66 15.51
N LYS C 231 -2.30 9.90 15.27
CA LYS C 231 -1.77 10.33 13.99
C LYS C 231 -0.75 9.32 13.42
N CYS C 232 -0.85 9.08 12.10
CA CYS C 232 0.06 8.20 11.37
C CYS C 232 1.25 9.03 10.94
N LEU C 233 2.44 8.67 11.44
CA LEU C 233 3.66 9.44 11.16
C LEU C 233 4.45 8.97 9.96
N LYS C 234 4.44 7.64 9.69
CA LYS C 234 5.17 7.02 8.59
C LYS C 234 4.38 5.83 8.03
N THR C 235 4.62 5.54 6.76
CA THR C 235 4.03 4.41 6.03
C THR C 235 5.19 3.67 5.35
N TYR C 236 5.18 2.33 5.39
CA TYR C 236 6.19 1.45 4.79
C TYR C 236 5.47 0.49 3.84
N THR C 237 5.71 0.64 2.53
CA THR C 237 5.06 -0.16 1.48
C THR C 237 6.11 -0.70 0.49
N GLY C 238 5.66 -1.45 -0.51
CA GLY C 238 6.53 -2.06 -1.52
C GLY C 238 6.61 -3.56 -1.38
N HIS C 239 6.27 -4.09 -0.20
CA HIS C 239 6.25 -5.51 0.10
C HIS C 239 4.85 -6.08 -0.21
N LYS C 240 4.69 -7.42 -0.10
CA LYS C 240 3.43 -8.10 -0.35
C LYS C 240 2.92 -8.66 0.97
N ASN C 241 1.72 -8.23 1.37
CA ASN C 241 1.08 -8.65 2.61
C ASN C 241 -0.42 -8.45 2.53
N GLU C 242 -1.10 -9.48 2.05
CA GLU C 242 -2.56 -9.45 1.88
C GLU C 242 -3.23 -10.65 2.54
N LYS C 243 -2.46 -11.66 2.96
CA LYS C 243 -3.04 -12.88 3.50
C LYS C 243 -2.58 -13.30 4.88
N TYR C 244 -1.29 -13.13 5.17
CA TYR C 244 -0.75 -13.67 6.43
C TYR C 244 -0.47 -12.62 7.51
N CYS C 245 -0.48 -13.07 8.78
CA CYS C 245 -0.11 -12.20 9.90
C CYS C 245 1.41 -12.30 10.09
N ILE C 246 2.10 -11.42 9.37
CA ILE C 246 3.56 -11.34 9.32
C ILE C 246 4.07 -10.39 10.38
N PHE C 247 5.03 -10.87 11.17
CA PHE C 247 5.71 -10.09 12.20
C PHE C 247 6.56 -9.01 11.56
N ALA C 248 6.59 -7.85 12.19
CA ALA C 248 7.43 -6.72 11.80
C ALA C 248 8.21 -6.27 13.02
N ASN C 249 9.37 -5.66 12.81
CA ASN C 249 10.21 -5.25 13.92
C ASN C 249 10.82 -3.89 13.74
N PHE C 250 11.33 -3.35 14.86
CA PHE C 250 12.15 -2.15 14.91
C PHE C 250 13.56 -2.70 15.08
N SER C 251 14.45 -2.38 14.15
CA SER C 251 15.86 -2.78 14.26
C SER C 251 16.60 -1.54 14.79
N VAL C 252 17.19 -1.65 15.99
CA VAL C 252 17.86 -0.54 16.70
C VAL C 252 19.36 -0.72 17.04
N THR C 253 19.95 -1.86 16.70
CA THR C 253 21.38 -2.14 17.01
C THR C 253 22.38 -1.29 16.23
N GLY C 254 22.08 -0.99 14.98
CA GLY C 254 22.90 -0.15 14.11
C GLY C 254 22.04 0.99 13.65
N GLY C 255 21.77 1.03 12.35
CA GLY C 255 20.86 2.02 11.77
C GLY C 255 19.44 1.74 12.23
N LYS C 256 18.58 2.77 12.21
CA LYS C 256 17.20 2.63 12.65
C LYS C 256 16.32 2.15 11.50
N TRP C 257 16.05 0.85 11.48
CA TRP C 257 15.27 0.21 10.43
C TRP C 257 13.93 -0.34 10.90
N ILE C 258 13.07 -0.64 9.92
CA ILE C 258 11.83 -1.36 10.08
C ILE C 258 12.08 -2.63 9.27
N VAL C 259 11.82 -3.78 9.86
CA VAL C 259 12.06 -5.07 9.21
C VAL C 259 10.75 -5.83 9.18
N SER C 260 10.45 -6.46 8.05
CA SER C 260 9.27 -7.30 7.93
C SER C 260 9.53 -8.39 6.91
N GLY C 261 8.77 -9.45 7.05
CA GLY C 261 8.74 -10.51 6.05
C GLY C 261 7.74 -10.07 4.98
N SER C 262 7.57 -10.90 3.96
CA SER C 262 6.70 -10.57 2.83
C SER C 262 6.24 -11.85 2.14
N GLU C 263 5.09 -11.75 1.45
CA GLU C 263 4.49 -12.85 0.69
C GLU C 263 5.19 -13.12 -0.64
N ASP C 264 6.18 -12.31 -1.00
CA ASP C 264 6.98 -12.51 -2.20
C ASP C 264 8.33 -13.23 -1.88
N ASN C 265 8.43 -13.85 -0.68
CA ASN C 265 9.56 -14.67 -0.19
C ASN C 265 10.78 -13.87 0.20
N LEU C 266 10.63 -12.55 0.37
CA LEU C 266 11.73 -11.64 0.73
C LEU C 266 11.58 -11.04 2.10
N VAL C 267 12.71 -10.67 2.72
CA VAL C 267 12.73 -9.93 3.97
C VAL C 267 12.92 -8.49 3.51
N TYR C 268 12.03 -7.58 3.93
CA TYR C 268 12.16 -6.16 3.56
C TYR C 268 12.73 -5.36 4.71
N ILE C 269 13.60 -4.41 4.39
CA ILE C 269 14.23 -3.52 5.36
C ILE C 269 14.04 -2.08 4.88
N TRP C 270 13.38 -1.24 5.69
CA TRP C 270 13.14 0.17 5.34
C TRP C 270 13.88 1.06 6.29
N ASN C 271 14.21 2.26 5.82
CA ASN C 271 14.80 3.29 6.68
C ASN C 271 13.58 3.85 7.44
N LEU C 272 13.63 3.82 8.80
CA LEU C 272 12.50 4.26 9.63
C LEU C 272 12.06 5.69 9.31
N GLN C 273 13.02 6.63 9.16
CA GLN C 273 12.70 8.03 8.93
C GLN C 273 12.29 8.38 7.50
N THR C 274 13.03 7.89 6.50
CA THR C 274 12.77 8.25 5.10
C THR C 274 11.70 7.38 4.45
N LYS C 275 11.41 6.19 5.03
CA LYS C 275 10.44 5.22 4.52
C LYS C 275 10.92 4.47 3.27
N GLU C 276 12.17 4.74 2.82
CA GLU C 276 12.75 4.09 1.65
C GLU C 276 13.18 2.66 1.97
N ILE C 277 12.99 1.72 1.01
CA ILE C 277 13.49 0.34 1.14
C ILE C 277 15.03 0.45 1.00
N VAL C 278 15.76 -0.06 2.00
CA VAL C 278 17.21 -0.03 2.04
C VAL C 278 17.83 -1.38 1.68
N GLN C 279 17.06 -2.47 1.83
CA GLN C 279 17.50 -3.83 1.50
C GLN C 279 16.37 -4.81 1.38
N LYS C 280 16.50 -5.79 0.48
CA LYS C 280 15.57 -6.91 0.31
C LYS C 280 16.45 -8.15 0.36
N LEU C 281 16.17 -9.05 1.31
CA LEU C 281 16.96 -10.28 1.52
C LEU C 281 16.33 -11.45 0.79
N GLN C 282 17.04 -11.97 -0.23
CA GLN C 282 16.62 -13.07 -1.09
C GLN C 282 17.23 -14.39 -0.60
N GLY C 283 16.43 -15.46 -0.63
CA GLY C 283 16.87 -16.78 -0.19
C GLY C 283 15.74 -17.74 0.11
N HIS C 284 14.69 -17.26 0.81
CA HIS C 284 13.51 -18.08 1.16
C HIS C 284 12.71 -18.49 -0.07
N THR C 285 12.10 -19.70 0.00
CA THR C 285 11.30 -20.27 -1.09
C THR C 285 9.80 -20.24 -0.83
N ASP C 286 9.37 -19.53 0.22
CA ASP C 286 7.96 -19.38 0.57
C ASP C 286 7.83 -18.11 1.41
N VAL C 287 6.57 -17.71 1.69
CA VAL C 287 6.20 -16.52 2.47
C VAL C 287 7.10 -16.45 3.71
N VAL C 288 7.70 -15.28 3.94
CA VAL C 288 8.53 -15.04 5.14
C VAL C 288 7.53 -14.55 6.19
N ILE C 289 7.07 -15.46 7.04
CA ILE C 289 6.03 -15.18 8.05
C ILE C 289 6.54 -14.42 9.26
N SER C 290 7.81 -14.63 9.57
CA SER C 290 8.37 -14.08 10.79
C SER C 290 9.80 -13.64 10.60
N THR C 291 10.11 -12.51 11.20
CA THR C 291 11.44 -11.91 11.30
C THR C 291 11.64 -11.51 12.75
N ALA C 292 12.90 -11.53 13.19
CA ALA C 292 13.25 -11.10 14.54
C ALA C 292 14.61 -10.43 14.46
N CYS C 293 14.81 -9.39 15.28
CA CYS C 293 16.04 -8.62 15.34
C CYS C 293 16.79 -8.93 16.63
N HIS C 294 18.09 -9.27 16.50
CA HIS C 294 18.95 -9.60 17.64
C HIS C 294 19.04 -8.44 18.63
N PRO C 295 18.93 -8.68 19.96
CA PRO C 295 18.97 -7.57 20.92
C PRO C 295 20.23 -6.70 20.95
N THR C 296 21.41 -7.25 20.61
CA THR C 296 22.69 -6.50 20.68
C THR C 296 23.50 -6.41 19.38
N GLU C 297 23.43 -7.42 18.52
CA GLU C 297 24.15 -7.46 17.25
C GLU C 297 23.22 -7.15 16.07
N ASN C 298 23.83 -6.81 14.90
CA ASN C 298 23.06 -6.57 13.67
C ASN C 298 22.81 -7.91 12.99
N ILE C 299 21.91 -8.70 13.61
CA ILE C 299 21.52 -10.03 13.16
C ILE C 299 19.99 -10.09 13.02
N ILE C 300 19.55 -10.65 11.89
CA ILE C 300 18.13 -10.88 11.63
C ILE C 300 17.92 -12.39 11.52
N ALA C 301 16.85 -12.89 12.14
CA ALA C 301 16.40 -14.26 11.95
C ALA C 301 15.11 -14.14 11.12
N SER C 302 14.98 -14.95 10.07
CA SER C 302 13.78 -14.95 9.25
C SER C 302 13.30 -16.39 9.10
N ALA C 303 11.97 -16.59 9.03
CA ALA C 303 11.43 -17.94 8.92
C ALA C 303 10.32 -18.00 7.87
N ALA C 304 10.23 -19.11 7.16
CA ALA C 304 9.27 -19.21 6.09
C ALA C 304 8.26 -20.37 6.19
N LEU C 305 7.22 -20.29 5.35
CA LEU C 305 6.12 -21.23 5.34
C LEU C 305 6.42 -22.61 4.74
N GLU C 306 5.39 -23.45 4.57
CA GLU C 306 5.43 -24.86 4.14
C GLU C 306 6.38 -25.27 3.03
N ASN C 307 6.53 -24.48 1.96
CA ASN C 307 7.43 -24.86 0.86
C ASN C 307 8.92 -24.55 1.13
N ASP C 308 9.21 -24.06 2.33
CA ASP C 308 10.53 -23.68 2.76
C ASP C 308 10.84 -24.38 4.08
N LYS C 309 10.11 -24.06 5.17
CA LYS C 309 10.25 -24.67 6.51
C LYS C 309 11.61 -24.38 7.19
N THR C 310 12.36 -23.42 6.67
CA THR C 310 13.67 -23.11 7.27
C THR C 310 13.66 -21.76 7.96
N ILE C 311 14.72 -21.53 8.73
CA ILE C 311 15.02 -20.29 9.43
C ILE C 311 16.38 -19.86 8.86
N LYS C 312 16.51 -18.57 8.52
CA LYS C 312 17.76 -18.04 8.02
C LYS C 312 18.28 -16.96 8.95
N LEU C 313 19.62 -16.97 9.18
CA LEU C 313 20.30 -16.01 10.04
C LEU C 313 21.16 -15.13 9.15
N TRP C 314 20.92 -13.82 9.22
CA TRP C 314 21.58 -12.83 8.38
C TRP C 314 22.38 -11.89 9.24
N LYS C 315 23.55 -11.45 8.74
CA LYS C 315 24.38 -10.51 9.50
C LYS C 315 24.79 -9.32 8.65
N SER C 316 24.83 -8.14 9.27
CA SER C 316 25.25 -6.89 8.61
C SER C 316 26.28 -6.13 9.47
N ASP C 317 27.07 -5.23 8.85
CA ASP C 317 28.05 -4.37 9.55
C ASP C 317 27.36 -3.15 10.20
N CYS C 318 26.17 -2.80 9.73
CA CYS C 318 25.33 -1.72 10.24
C CYS C 318 23.83 -2.09 10.16
N GLY D 1 -1.68 -27.83 10.50
CA GLY D 1 -1.02 -26.53 10.43
C GLY D 1 -1.18 -25.76 11.72
N SER D 2 -1.09 -24.44 11.62
CA SER D 2 -1.33 -23.55 12.73
C SER D 2 -2.13 -22.43 12.13
N ALA D 3 -2.90 -21.72 12.95
CA ALA D 3 -3.72 -20.61 12.51
C ALA D 3 -2.88 -19.56 11.76
N ARG D 4 -1.68 -19.21 12.27
CA ARG D 4 -0.84 -18.22 11.59
C ARG D 4 -0.34 -18.67 10.22
N SER D 5 0.12 -19.91 10.12
CA SER D 5 0.68 -20.42 8.87
C SER D 5 -0.34 -20.79 7.79
N GLU D 6 -1.62 -20.78 8.15
CA GLU D 6 -2.72 -21.03 7.25
C GLU D 6 -3.14 -19.71 6.61
N GLY D 7 -3.08 -18.64 7.39
CA GLY D 7 -3.46 -17.31 6.94
C GLY D 7 -4.98 -17.10 6.88
N TYR D 8 -5.37 -15.89 6.41
CA TYR D 8 -6.72 -15.37 6.28
C TYR D 8 -7.52 -15.95 5.12
#